data_6OMX
#
_entry.id   6OMX
#
_cell.length_a   71.001
_cell.length_b   27.835
_cell.length_c   60.837
_cell.angle_alpha   90.00
_cell.angle_beta   90.00
_cell.angle_gamma   90.00
#
_symmetry.space_group_name_H-M   'P 2 2 21'
#
loop_
_entity.id
_entity.type
_entity.pdbx_description
1 polymer 'Alr5209 protein'
2 water water
#
_entity_poly.entity_id   1
_entity_poly.type   'polypeptide(L)'
_entity_poly.pdbx_seq_one_letter_code
;MGSSHHHHHHSSGLVPRGSHMSEVNYQQPISTVATLIEMYTAGRRDFNRAELGDANLQNVDIKGSDLSYADLSTANLRGA
NLRGTDLSFADLSQADLQDADLRGALLMSANLRQANLQGAKLEKADCDRNTHFPENFDLLKAGLQLKEQ
;
_entity_poly.pdbx_strand_id   A
#
# COMPACT_ATOMS: atom_id res chain seq x y z
N GLN A 27 -2.39 13.35 19.18
CA GLN A 27 -1.86 12.27 18.36
C GLN A 27 -0.67 12.75 17.52
N GLN A 28 0.00 11.80 16.86
CA GLN A 28 1.14 12.07 15.98
C GLN A 28 1.10 11.02 14.90
N PRO A 29 1.66 11.30 13.71
CA PRO A 29 1.80 10.23 12.72
C PRO A 29 2.79 9.18 13.18
N ILE A 30 2.41 7.91 12.96
CA ILE A 30 3.24 6.80 13.38
C ILE A 30 4.51 6.79 12.55
N SER A 31 5.63 6.39 13.17
CA SER A 31 6.90 6.38 12.46
C SER A 31 7.74 5.13 12.72
N THR A 32 7.16 4.08 13.32
CA THR A 32 7.90 2.83 13.50
C THR A 32 7.01 1.62 13.29
N VAL A 33 7.63 0.57 12.78
CA VAL A 33 6.91 -0.69 12.59
C VAL A 33 6.30 -1.16 13.90
N ALA A 34 7.13 -1.25 14.94
CA ALA A 34 6.67 -1.75 16.23
C ALA A 34 5.38 -1.07 16.61
N THR A 35 5.35 0.25 16.50
CA THR A 35 4.20 1.02 16.93
C THR A 35 3.02 0.75 15.99
N LEU A 36 3.26 0.77 14.69
CA LEU A 36 2.19 0.50 13.73
C LEU A 36 1.49 -0.81 14.08
N ILE A 37 2.26 -1.88 14.26
CA ILE A 37 1.70 -3.20 14.50
C ILE A 37 1.04 -3.25 15.89
N GLU A 38 1.65 -2.60 16.88
CA GLU A 38 1.03 -2.59 18.21
C GLU A 38 -0.34 -1.93 18.16
N MET A 39 -0.41 -0.74 17.57
CA MET A 39 -1.68 -0.04 17.48
C MET A 39 -2.66 -0.84 16.62
N TYR A 40 -2.21 -1.34 15.47
CA TYR A 40 -3.16 -2.03 14.59
C TYR A 40 -3.86 -3.16 15.36
N THR A 41 -3.11 -3.93 16.13
CA THR A 41 -3.79 -4.95 16.90
C THR A 41 -4.53 -4.36 18.10
N ALA A 42 -4.24 -3.13 18.47
CA ALA A 42 -5.07 -2.43 19.44
C ALA A 42 -6.40 -2.00 18.85
N GLY A 43 -6.60 -2.22 17.55
CA GLY A 43 -7.83 -1.82 16.89
C GLY A 43 -7.73 -0.51 16.13
N ARG A 44 -6.58 0.14 16.15
CA ARG A 44 -6.43 1.38 15.39
C ARG A 44 -6.34 0.99 13.93
N ARG A 45 -6.86 1.88 13.08
CA ARG A 45 -6.82 1.73 11.63
C ARG A 45 -6.39 3.01 10.94
N ASP A 46 -6.46 4.16 11.61
CA ASP A 46 -5.98 5.40 11.01
C ASP A 46 -4.47 5.48 11.25
N PHE A 47 -3.72 5.35 10.17
CA PHE A 47 -2.28 5.53 10.10
C PHE A 47 -1.96 6.49 8.99
N ASN A 48 -2.93 7.37 8.73
CA ASN A 48 -2.74 8.48 7.82
C ASN A 48 -1.37 9.10 8.03
N ARG A 49 -0.66 9.33 6.92
CA ARG A 49 0.62 10.05 6.89
C ARG A 49 1.75 9.33 7.59
N ALA A 50 1.59 8.03 7.86
CA ALA A 50 2.65 7.23 8.43
C ALA A 50 3.98 7.43 7.69
N GLU A 51 5.05 7.61 8.45
CA GLU A 51 6.39 7.70 7.88
C GLU A 51 7.05 6.33 8.08
N LEU A 52 6.99 5.51 7.04
CA LEU A 52 7.45 4.13 7.05
C LEU A 52 8.31 3.89 5.81
N GLY A 53 9.06 4.92 5.39
CA GLY A 53 9.67 4.90 4.07
C GLY A 53 10.61 3.74 3.84
N ASP A 54 11.31 3.30 4.87
CA ASP A 54 12.20 2.15 4.74
C ASP A 54 11.75 1.01 5.67
N ALA A 55 10.46 0.94 5.96
CA ALA A 55 9.99 -0.03 6.94
C ALA A 55 10.13 -1.45 6.40
N ASN A 56 10.48 -2.39 7.27
CA ASN A 56 10.34 -3.81 6.93
C ASN A 56 8.99 -4.28 7.45
N LEU A 57 8.05 -4.43 6.54
CA LEU A 57 6.70 -4.88 6.80
C LEU A 57 6.42 -6.17 6.07
N GLN A 58 7.43 -7.01 5.87
CA GLN A 58 7.19 -8.28 5.19
C GLN A 58 6.19 -9.10 6.00
N ASN A 59 5.20 -9.65 5.28
CA ASN A 59 4.19 -10.59 5.76
C ASN A 59 3.28 -10.03 6.85
N VAL A 60 3.17 -8.71 6.99
CA VAL A 60 2.25 -8.14 7.97
C VAL A 60 0.83 -8.23 7.45
N ASP A 61 -0.12 -8.17 8.37
CA ASP A 61 -1.55 -8.10 8.05
C ASP A 61 -2.04 -6.79 8.65
N ILE A 62 -2.24 -5.78 7.80
CA ILE A 62 -2.78 -4.52 8.28
C ILE A 62 -3.99 -4.20 7.41
N LYS A 63 -4.75 -5.22 7.07
CA LYS A 63 -5.88 -5.04 6.16
C LYS A 63 -6.86 -4.05 6.76
N GLY A 64 -7.42 -3.21 5.89
CA GLY A 64 -8.40 -2.24 6.32
C GLY A 64 -7.84 -0.96 6.89
N SER A 65 -6.52 -0.79 6.93
CA SER A 65 -5.90 0.40 7.52
C SER A 65 -6.02 1.58 6.57
N ASP A 66 -6.05 2.79 7.13
CA ASP A 66 -5.96 4.03 6.35
C ASP A 66 -4.49 4.45 6.34
N LEU A 67 -3.85 4.24 5.20
CA LEU A 67 -2.47 4.63 4.97
C LEU A 67 -2.38 5.75 3.96
N SER A 68 -3.43 6.55 3.84
CA SER A 68 -3.42 7.58 2.82
C SER A 68 -2.29 8.56 3.15
N TYR A 69 -1.62 9.03 2.11
CA TYR A 69 -0.49 9.93 2.21
C TYR A 69 0.70 9.33 2.92
N ALA A 70 0.72 8.02 3.14
CA ALA A 70 1.88 7.43 3.80
C ALA A 70 3.13 7.47 2.93
N ASP A 71 4.30 7.54 3.59
CA ASP A 71 5.58 7.32 2.93
C ASP A 71 5.93 5.86 3.08
N LEU A 72 5.82 5.10 2.00
CA LEU A 72 6.26 3.71 1.92
C LEU A 72 7.26 3.55 0.77
N SER A 73 8.08 4.57 0.52
CA SER A 73 8.73 4.68 -0.77
C SER A 73 9.73 3.57 -1.05
N THR A 74 10.44 3.09 -0.04
CA THR A 74 11.34 1.95 -0.23
C THR A 74 11.00 0.85 0.78
N ALA A 75 9.71 0.72 1.11
CA ALA A 75 9.29 -0.25 2.10
C ALA A 75 9.32 -1.64 1.53
N ASN A 76 9.62 -2.61 2.40
CA ASN A 76 9.47 -4.02 2.08
C ASN A 76 8.08 -4.45 2.53
N LEU A 77 7.21 -4.70 1.57
CA LEU A 77 5.85 -5.12 1.84
C LEU A 77 5.61 -6.47 1.21
N ARG A 78 6.67 -7.27 1.05
CA ARG A 78 6.51 -8.57 0.41
C ARG A 78 5.58 -9.43 1.24
N GLY A 79 4.59 -10.00 0.56
CA GLY A 79 3.62 -10.86 1.20
C GLY A 79 2.69 -10.18 2.18
N ALA A 80 2.65 -8.86 2.20
CA ALA A 80 1.79 -8.17 3.15
C ALA A 80 0.34 -8.25 2.73
N ASN A 81 -0.53 -8.31 3.73
CA ASN A 81 -1.97 -8.25 3.50
C ASN A 81 -2.41 -6.80 3.65
N LEU A 82 -2.66 -6.17 2.52
CA LEU A 82 -3.08 -4.79 2.41
C LEU A 82 -4.51 -4.69 1.87
N ARG A 83 -5.29 -5.76 2.00
CA ARG A 83 -6.64 -5.77 1.45
C ARG A 83 -7.44 -4.63 2.06
N GLY A 84 -8.17 -3.93 1.21
CA GLY A 84 -9.10 -2.91 1.65
C GLY A 84 -8.46 -1.72 2.30
N THR A 85 -7.16 -1.53 2.08
CA THR A 85 -6.47 -0.41 2.69
C THR A 85 -6.71 0.83 1.87
N ASP A 86 -6.59 2.00 2.50
CA ASP A 86 -6.64 3.26 1.79
C ASP A 86 -5.19 3.71 1.62
N LEU A 87 -4.70 3.59 0.39
CA LEU A 87 -3.35 4.01 0.03
C LEU A 87 -3.37 5.21 -0.89
N SER A 88 -4.48 5.96 -0.90
CA SER A 88 -4.54 7.16 -1.73
C SER A 88 -3.38 8.09 -1.40
N PHE A 89 -2.78 8.63 -2.44
CA PHE A 89 -1.69 9.60 -2.30
C PHE A 89 -0.46 9.03 -1.59
N ALA A 90 -0.39 7.71 -1.44
CA ALA A 90 0.75 7.09 -0.80
C ALA A 90 1.94 7.07 -1.75
N ASP A 91 3.13 7.12 -1.16
CA ASP A 91 4.36 7.01 -1.95
C ASP A 91 4.85 5.58 -1.78
N LEU A 92 4.61 4.77 -2.79
CA LEU A 92 5.06 3.40 -2.93
C LEU A 92 6.01 3.28 -4.11
N SER A 93 6.72 4.37 -4.42
CA SER A 93 7.40 4.49 -5.70
C SER A 93 8.45 3.42 -5.92
N GLN A 94 9.13 2.95 -4.88
CA GLN A 94 10.06 1.83 -5.06
C GLN A 94 9.81 0.75 -4.01
N ALA A 95 8.56 0.60 -3.60
CA ALA A 95 8.22 -0.42 -2.61
C ALA A 95 8.33 -1.81 -3.22
N ASP A 96 8.68 -2.78 -2.38
CA ASP A 96 8.64 -4.17 -2.81
C ASP A 96 7.28 -4.74 -2.41
N LEU A 97 6.43 -4.98 -3.39
CA LEU A 97 5.10 -5.51 -3.12
C LEU A 97 4.95 -6.92 -3.65
N GLN A 98 6.04 -7.66 -3.76
CA GLN A 98 5.97 -9.00 -4.32
C GLN A 98 5.02 -9.86 -3.47
N ASP A 99 4.05 -10.47 -4.13
CA ASP A 99 3.10 -11.39 -3.50
C ASP A 99 2.21 -10.67 -2.49
N ALA A 100 2.18 -9.36 -2.49
CA ALA A 100 1.29 -8.65 -1.56
C ALA A 100 -0.15 -8.74 -2.05
N ASP A 101 -1.10 -8.65 -1.11
CA ASP A 101 -2.53 -8.65 -1.42
C ASP A 101 -3.07 -7.22 -1.27
N LEU A 102 -3.36 -6.59 -2.42
CA LEU A 102 -3.92 -5.25 -2.48
C LEU A 102 -5.36 -5.26 -2.94
N ARG A 103 -6.03 -6.40 -2.86
CA ARG A 103 -7.38 -6.48 -3.41
C ARG A 103 -8.30 -5.52 -2.68
N GLY A 104 -9.07 -4.75 -3.45
CA GLY A 104 -9.97 -3.80 -2.83
C GLY A 104 -9.30 -2.56 -2.29
N ALA A 105 -7.98 -2.42 -2.42
CA ALA A 105 -7.34 -1.26 -1.83
C ALA A 105 -7.62 -0.04 -2.68
N LEU A 106 -7.52 1.13 -2.06
CA LEU A 106 -7.68 2.41 -2.75
C LEU A 106 -6.30 2.96 -3.12
N LEU A 107 -6.07 3.10 -4.43
CA LEU A 107 -4.78 3.51 -4.96
C LEU A 107 -4.83 4.83 -5.71
N MET A 108 -5.92 5.58 -5.59
CA MET A 108 -6.03 6.78 -6.40
C MET A 108 -4.91 7.72 -6.03
N SER A 109 -4.25 8.26 -7.05
CA SER A 109 -3.14 9.19 -6.90
C SER A 109 -1.96 8.59 -6.14
N ALA A 110 -1.90 7.28 -6.01
CA ALA A 110 -0.73 6.66 -5.41
C ALA A 110 0.41 6.56 -6.42
N ASN A 111 1.63 6.57 -5.89
CA ASN A 111 2.85 6.53 -6.69
C ASN A 111 3.46 5.15 -6.54
N LEU A 112 3.30 4.33 -7.59
CA LEU A 112 3.83 2.97 -7.67
C LEU A 112 4.76 2.85 -8.87
N ARG A 113 5.43 3.96 -9.21
CA ARG A 113 6.12 4.09 -10.49
C ARG A 113 7.16 3.00 -10.71
N GLN A 114 7.94 2.64 -9.66
CA GLN A 114 8.95 1.59 -9.83
C GLN A 114 8.74 0.48 -8.81
N ALA A 115 7.51 0.31 -8.37
CA ALA A 115 7.21 -0.74 -7.40
C ALA A 115 7.37 -2.11 -8.04
N ASN A 116 7.77 -3.08 -7.23
CA ASN A 116 7.80 -4.48 -7.64
C ASN A 116 6.42 -5.07 -7.33
N LEU A 117 5.67 -5.38 -8.39
CA LEU A 117 4.30 -5.85 -8.28
C LEU A 117 4.18 -7.30 -8.69
N GLN A 118 5.31 -8.00 -8.83
CA GLN A 118 5.31 -9.40 -9.23
C GLN A 118 4.52 -10.25 -8.25
N GLY A 119 3.49 -10.92 -8.76
CA GLY A 119 2.68 -11.76 -7.90
C GLY A 119 1.69 -11.00 -7.05
N ALA A 120 1.69 -9.67 -7.10
CA ALA A 120 0.77 -8.93 -6.25
C ALA A 120 -0.65 -9.09 -6.78
N LYS A 121 -1.59 -9.12 -5.86
CA LYS A 121 -3.00 -9.28 -6.20
C LYS A 121 -3.68 -7.92 -6.12
N LEU A 122 -4.13 -7.39 -7.27
CA LEU A 122 -4.71 -6.05 -7.37
C LEU A 122 -6.17 -6.08 -7.86
N GLU A 123 -6.75 -7.25 -7.97
CA GLU A 123 -8.11 -7.38 -8.45
C GLU A 123 -9.05 -6.53 -7.59
N LYS A 124 -9.81 -5.68 -8.27
CA LYS A 124 -10.79 -4.77 -7.72
C LYS A 124 -10.20 -3.68 -6.85
N ALA A 125 -8.87 -3.53 -6.81
CA ALA A 125 -8.29 -2.28 -6.31
C ALA A 125 -8.76 -1.13 -7.19
N ASP A 126 -8.93 0.03 -6.57
CA ASP A 126 -9.42 1.21 -7.29
C ASP A 126 -8.26 2.16 -7.59
N CYS A 127 -8.24 2.71 -8.80
CA CYS A 127 -7.25 3.72 -9.15
C CYS A 127 -7.95 4.90 -9.83
N ASP A 128 -7.18 5.94 -10.11
CA ASP A 128 -7.67 7.05 -10.92
C ASP A 128 -6.58 7.47 -11.89
N ARG A 129 -6.91 8.45 -12.74
CA ARG A 129 -5.96 8.91 -13.74
C ARG A 129 -4.63 9.34 -13.16
N ASN A 130 -4.54 9.54 -11.84
CA ASN A 130 -3.34 10.07 -11.23
C ASN A 130 -2.50 9.01 -10.55
N THR A 131 -2.99 7.78 -10.48
CA THR A 131 -2.19 6.66 -9.99
C THR A 131 -1.06 6.38 -10.98
N HIS A 132 0.17 6.31 -10.48
CA HIS A 132 1.36 6.14 -11.32
C HIS A 132 1.83 4.70 -11.14
N PHE A 133 1.50 3.84 -12.11
CA PHE A 133 1.92 2.46 -12.13
C PHE A 133 3.20 2.30 -12.91
N PRO A 134 3.89 1.17 -12.79
CA PRO A 134 5.10 0.93 -13.59
C PRO A 134 4.81 0.87 -15.08
N GLU A 135 5.91 0.78 -15.86
CA GLU A 135 5.88 1.09 -17.29
C GLU A 135 5.00 0.14 -18.07
N ASN A 136 5.32 -1.15 -18.02
CA ASN A 136 4.63 -2.15 -18.82
C ASN A 136 3.39 -2.71 -18.14
N PHE A 137 2.96 -2.11 -17.04
CA PHE A 137 2.02 -2.78 -16.15
C PHE A 137 0.64 -2.85 -16.79
N ASP A 138 0.10 -4.05 -16.89
CA ASP A 138 -1.16 -4.28 -17.63
C ASP A 138 -2.31 -4.14 -16.65
N LEU A 139 -2.95 -2.96 -16.65
CA LEU A 139 -3.98 -2.70 -15.65
C LEU A 139 -5.19 -3.61 -15.83
N LEU A 140 -5.52 -3.97 -17.08
CA LEU A 140 -6.67 -4.82 -17.31
C LEU A 140 -6.43 -6.21 -16.74
N LYS A 141 -5.29 -6.80 -17.08
CA LYS A 141 -5.01 -8.14 -16.57
C LYS A 141 -4.93 -8.13 -15.04
N ALA A 142 -4.40 -7.06 -14.46
CA ALA A 142 -4.35 -6.93 -13.01
C ALA A 142 -5.72 -6.82 -12.35
N GLY A 143 -6.77 -6.48 -13.10
CA GLY A 143 -8.11 -6.42 -12.51
C GLY A 143 -8.45 -5.11 -11.84
N LEU A 144 -7.71 -4.03 -12.14
CA LEU A 144 -7.97 -2.73 -11.53
C LEU A 144 -9.31 -2.17 -11.95
N GLN A 145 -9.84 -1.27 -11.11
CA GLN A 145 -11.07 -0.53 -11.34
C GLN A 145 -10.80 0.98 -11.32
N LEU A 146 -11.49 1.72 -12.18
CA LEU A 146 -11.33 3.17 -12.17
C LEU A 146 -12.21 3.80 -11.09
N LYS A 147 -11.72 4.92 -10.54
CA LYS A 147 -12.48 5.76 -9.62
C LYS A 147 -11.97 7.19 -9.72
#